data_5VPU
#
_entry.id   5VPU
#
_cell.length_a   45.940
_cell.length_b   82.090
_cell.length_c   72.410
_cell.angle_alpha   90.00
_cell.angle_beta   97.64
_cell.angle_gamma   90.00
#
_symmetry.space_group_name_H-M   'P 1 21 1'
#
loop_
_entity.id
_entity.type
_entity.pdbx_description
1 polymer '2,3-bisphosphoglycerate-independent phosphoglycerate mutase'
2 non-polymer 'MANGANESE (II) ION'
3 non-polymer '3-PHOSPHOGLYCERIC ACID'
4 non-polymer 1,2-ETHANEDIOL
5 non-polymer 'ACETATE ION'
6 water water
#
_entity_poly.entity_id   1
_entity_poly.type   'polypeptide(L)'
_entity_poly.pdbx_seq_one_letter_code
;MAHHHHHHMTDATAGKIPHVLVIMDGVGHREAIEDNAFLAAKTPNLTAMKAKHPNSLISGSGEDVGLPDGQMGNSEVGHM
NLGAGRVLYQDFTRITKDIRTGAFFEHEVLVDAVEKAKAAGGAVHIMGLLSEGGVHSHEDHIVAMCELALKRGAKVYLHA
FLDGRDTPPRSAQPSLEKLDALFAQYEGKGRIATMIGRYFAMDRDNRWDRVEQAYRLLTEGEAVRTATTAVEGLELAYAA
NENDEFVKATRIGEIAKVQDGDSVVFMNFRADRAREITRAFVEKDFAGFERKVVPNLSKFVMLTRYQASIDAPVAYMPEE
LKNSLGEYLSSLGKTQLRIAETEKYAHVTFFFSGGREDEYPGEKRILIPSPNVATYDLKPEMSAYEVTDELVKAINSGEY
DLLVVNYANGDMVGHTGVFDAAVKAVEAVDTCLGRVYEAVMAKKGHMLITADHGNVEQMQDYESGQVHTQHTTELVPFIY
VGPTQATIAEGGVLADVAPTILNLMQIPVPAEMQGRNLITLSA
;
_entity_poly.pdbx_strand_id   A
#
# COMPACT_ATOMS: atom_id res chain seq x y z
N ALA A 14 5.89 27.93 -19.54
CA ALA A 14 4.91 27.24 -20.36
C ALA A 14 5.48 26.87 -21.73
N GLY A 15 4.63 26.30 -22.58
CA GLY A 15 5.03 25.88 -23.91
C GLY A 15 5.85 24.60 -23.91
N LYS A 16 5.80 23.87 -22.80
CA LYS A 16 6.57 22.63 -22.67
C LYS A 16 5.85 21.46 -23.35
N ILE A 17 6.63 20.59 -23.98
CA ILE A 17 6.06 19.33 -24.47
C ILE A 17 5.69 18.44 -23.27
N PRO A 18 4.43 18.00 -23.18
CA PRO A 18 4.08 17.17 -22.03
C PRO A 18 4.52 15.73 -22.21
N HIS A 19 5.01 15.15 -21.13
CA HIS A 19 5.33 13.74 -21.07
C HIS A 19 4.51 13.19 -19.92
N VAL A 20 3.58 12.29 -20.23
CA VAL A 20 2.59 11.84 -19.28
C VAL A 20 2.80 10.37 -18.94
N LEU A 21 2.90 10.07 -17.65
CA LEU A 21 2.96 8.69 -17.18
C LEU A 21 1.62 8.39 -16.54
N VAL A 22 0.86 7.50 -17.16
CA VAL A 22 -0.43 7.07 -16.64
C VAL A 22 -0.29 5.72 -15.99
N ILE A 23 -0.61 5.65 -14.71
CA ILE A 23 -0.57 4.40 -13.98
C ILE A 23 -2.02 3.98 -13.73
N MET A 24 -2.46 2.97 -14.46
CA MET A 24 -3.79 2.38 -14.25
C MET A 24 -3.66 1.39 -13.12
N ASP A 25 -3.79 1.90 -11.90
CA ASP A 25 -3.52 1.07 -10.73
C ASP A 25 -4.36 -0.20 -10.77
N GLY A 26 -3.71 -1.36 -10.63
CA GLY A 26 -4.42 -2.63 -10.55
C GLY A 26 -4.99 -3.19 -11.83
N VAL A 27 -4.49 -2.73 -12.97
CA VAL A 27 -4.95 -3.22 -14.27
C VAL A 27 -3.85 -4.04 -14.93
N GLY A 28 -4.02 -5.36 -14.89
CA GLY A 28 -3.05 -6.26 -15.49
C GLY A 28 -3.55 -6.96 -16.74
N HIS A 29 -2.65 -7.71 -17.37
CA HIS A 29 -2.93 -8.42 -18.59
C HIS A 29 -2.99 -9.92 -18.30
N ARG A 30 -4.18 -10.49 -18.44
CA ARG A 30 -4.38 -11.92 -18.26
C ARG A 30 -5.14 -12.44 -19.46
N GLU A 31 -4.58 -13.44 -20.14
CA GLU A 31 -5.23 -13.96 -21.35
C GLU A 31 -6.56 -14.65 -21.06
N ALA A 32 -6.65 -15.30 -19.90
CA ALA A 32 -7.86 -16.05 -19.57
C ALA A 32 -9.06 -15.11 -19.43
N ILE A 33 -10.18 -15.54 -20.01
CA ILE A 33 -11.39 -14.73 -20.03
C ILE A 33 -12.21 -14.86 -18.76
N GLU A 34 -12.23 -16.06 -18.18
CA GLU A 34 -13.09 -16.30 -17.03
CA GLU A 34 -13.05 -16.34 -17.01
C GLU A 34 -12.71 -15.41 -15.84
N ASP A 35 -13.71 -14.70 -15.33
CA ASP A 35 -13.55 -13.82 -14.17
C ASP A 35 -12.57 -12.68 -14.41
N ASN A 36 -12.36 -12.35 -15.68
CA ASN A 36 -11.47 -11.26 -16.04
C ASN A 36 -12.28 -9.99 -16.28
N ALA A 37 -12.30 -9.10 -15.31
CA ALA A 37 -13.11 -7.89 -15.43
C ALA A 37 -12.54 -6.89 -16.43
N PHE A 38 -11.24 -6.97 -16.72
CA PHE A 38 -10.70 -6.09 -17.75
C PHE A 38 -11.23 -6.47 -19.13
N LEU A 39 -11.16 -7.76 -19.45
CA LEU A 39 -11.62 -8.21 -20.76
C LEU A 39 -13.13 -8.07 -20.93
N ALA A 40 -13.88 -8.19 -19.83
CA ALA A 40 -15.34 -8.10 -19.90
C ALA A 40 -15.80 -6.66 -20.10
N ALA A 41 -14.97 -5.72 -19.69
CA ALA A 41 -15.30 -4.30 -19.82
C ALA A 41 -15.26 -3.80 -21.26
N LYS A 42 -16.09 -2.82 -21.54
CA LYS A 42 -15.97 -2.05 -22.76
CA LYS A 42 -15.98 -2.05 -22.77
C LYS A 42 -14.77 -1.12 -22.61
N THR A 43 -13.73 -1.36 -23.39
CA THR A 43 -12.53 -0.52 -23.34
C THR A 43 -12.20 0.02 -24.72
N PRO A 44 -13.13 0.77 -25.33
CA PRO A 44 -12.89 1.19 -26.72
C PRO A 44 -11.69 2.11 -26.91
N ASN A 45 -11.41 3.00 -25.96
CA ASN A 45 -10.26 3.87 -26.11
C ASN A 45 -8.94 3.11 -26.03
N LEU A 46 -8.80 2.22 -25.05
CA LEU A 46 -7.59 1.41 -24.93
C LEU A 46 -7.43 0.49 -26.15
N THR A 47 -8.52 -0.09 -26.62
CA THR A 47 -8.47 -0.97 -27.78
C THR A 47 -8.00 -0.20 -29.00
N ALA A 48 -8.56 1.00 -29.21
CA ALA A 48 -8.14 1.84 -30.32
C ALA A 48 -6.70 2.27 -30.22
N MET A 49 -6.27 2.62 -29.01
CA MET A 49 -4.90 3.04 -28.82
C MET A 49 -3.94 1.91 -29.12
N LYS A 50 -4.26 0.70 -28.68
CA LYS A 50 -3.42 -0.46 -28.94
C LYS A 50 -3.37 -0.84 -30.42
N ALA A 51 -4.45 -0.57 -31.13
CA ALA A 51 -4.47 -0.84 -32.56
C ALA A 51 -3.59 0.12 -33.35
N LYS A 52 -3.47 1.34 -32.85
CA LYS A 52 -2.72 2.38 -33.56
C LYS A 52 -1.27 2.55 -33.09
N HIS A 53 -1.01 2.34 -31.80
CA HIS A 53 0.26 2.68 -31.20
C HIS A 53 0.99 1.46 -30.68
N PRO A 54 2.32 1.52 -30.63
CA PRO A 54 3.10 0.39 -30.14
C PRO A 54 2.79 0.08 -28.68
N ASN A 55 2.74 -1.21 -28.37
CA ASN A 55 2.42 -1.62 -27.02
C ASN A 55 3.01 -2.98 -26.71
N SER A 56 3.27 -3.20 -25.42
CA SER A 56 3.97 -4.38 -24.95
C SER A 56 3.45 -4.73 -23.57
N LEU A 57 4.19 -5.58 -22.87
CA LEU A 57 3.88 -5.96 -21.50
C LEU A 57 5.15 -5.81 -20.68
N ILE A 58 5.00 -5.38 -19.43
CA ILE A 58 6.15 -5.31 -18.52
C ILE A 58 5.80 -5.98 -17.20
N SER A 59 6.82 -6.26 -16.39
CA SER A 59 6.63 -7.00 -15.15
C SER A 59 6.74 -6.12 -13.92
N GLY A 60 5.80 -6.29 -12.98
CA GLY A 60 5.83 -5.58 -11.72
C GLY A 60 5.70 -6.47 -10.51
N SER A 61 6.07 -7.74 -10.64
CA SER A 61 5.93 -8.71 -9.54
C SER A 61 7.19 -9.54 -9.34
N GLY A 62 7.29 -10.20 -8.19
CA GLY A 62 8.38 -11.12 -7.91
C GLY A 62 9.76 -10.47 -7.98
N GLU A 63 10.73 -11.24 -8.46
CA GLU A 63 12.12 -10.80 -8.46
C GLU A 63 12.35 -9.57 -9.34
N ASP A 64 11.50 -9.39 -10.34
CA ASP A 64 11.61 -8.23 -11.24
C ASP A 64 11.45 -6.89 -10.51
N VAL A 65 10.82 -6.92 -9.34
CA VAL A 65 10.70 -5.71 -8.50
C VAL A 65 11.33 -5.90 -7.12
N GLY A 66 12.25 -6.84 -7.00
CA GLY A 66 12.98 -7.04 -5.76
C GLY A 66 12.16 -7.71 -4.67
N LEU A 67 11.17 -8.51 -5.06
CA LEU A 67 10.37 -9.29 -4.11
C LEU A 67 10.66 -10.77 -4.33
N PRO A 68 10.21 -11.63 -3.39
CA PRO A 68 10.43 -13.06 -3.62
C PRO A 68 9.68 -13.54 -4.86
N ASP A 69 10.22 -14.56 -5.51
CA ASP A 69 9.54 -15.18 -6.64
C ASP A 69 8.14 -15.60 -6.21
N GLY A 70 7.14 -15.20 -6.98
CA GLY A 70 5.76 -15.57 -6.70
C GLY A 70 4.99 -14.54 -5.89
N GLN A 71 5.69 -13.55 -5.34
CA GLN A 71 5.02 -12.48 -4.60
C GLN A 71 4.44 -11.44 -5.53
N MET A 72 3.14 -11.18 -5.37
CA MET A 72 2.46 -10.18 -6.16
C MET A 72 3.05 -8.80 -5.95
N GLY A 73 2.97 -7.97 -6.98
CA GLY A 73 3.39 -6.59 -6.83
C GLY A 73 2.40 -5.82 -5.99
N ASN A 74 2.73 -4.56 -5.71
CA ASN A 74 1.84 -3.69 -4.98
C ASN A 74 2.19 -2.24 -5.29
N SER A 75 1.36 -1.32 -4.81
CA SER A 75 1.50 0.08 -5.13
C SER A 75 2.72 0.76 -4.54
N GLU A 76 3.13 0.34 -3.34
CA GLU A 76 4.31 0.91 -2.73
C GLU A 76 5.54 0.52 -3.53
N VAL A 77 5.77 -0.79 -3.63
CA VAL A 77 6.91 -1.29 -4.39
C VAL A 77 6.86 -0.80 -5.82
N GLY A 78 5.68 -0.83 -6.42
CA GLY A 78 5.52 -0.47 -7.81
C GLY A 78 5.82 0.98 -8.09
N HIS A 79 5.24 1.90 -7.33
CA HIS A 79 5.49 3.31 -7.58
C HIS A 79 6.92 3.68 -7.21
N MET A 80 7.50 3.01 -6.22
CA MET A 80 8.90 3.28 -5.88
CA MET A 80 8.90 3.25 -5.88
C MET A 80 9.81 2.83 -7.04
N ASN A 81 9.55 1.66 -7.59
CA ASN A 81 10.32 1.19 -8.75
C ASN A 81 10.13 2.08 -9.96
N LEU A 82 8.89 2.45 -10.24
CA LEU A 82 8.60 3.34 -11.37
C LEU A 82 9.37 4.63 -11.25
N GLY A 83 9.37 5.22 -10.06
CA GLY A 83 10.04 6.49 -9.89
C GLY A 83 11.54 6.35 -9.85
N ALA A 84 12.04 5.21 -9.37
CA ALA A 84 13.46 5.11 -9.09
C ALA A 84 14.31 4.74 -10.29
N GLY A 85 13.71 4.07 -11.27
CA GLY A 85 14.48 3.62 -12.42
C GLY A 85 15.52 2.56 -12.06
N ARG A 86 15.24 1.81 -10.99
CA ARG A 86 16.12 0.74 -10.54
C ARG A 86 15.33 -0.17 -9.60
N VAL A 87 15.78 -1.40 -9.44
CA VAL A 87 15.16 -2.31 -8.47
C VAL A 87 15.72 -1.97 -7.10
N LEU A 88 14.83 -1.81 -6.12
CA LEU A 88 15.24 -1.44 -4.77
C LEU A 88 15.26 -2.65 -3.84
N TYR A 89 16.19 -2.64 -2.89
CA TYR A 89 16.22 -3.66 -1.83
C TYR A 89 15.09 -3.36 -0.86
N GLN A 90 14.14 -4.28 -0.77
CA GLN A 90 12.90 -4.04 -0.04
C GLN A 90 13.01 -4.35 1.45
N ASP A 91 12.31 -3.56 2.26
CA ASP A 91 12.24 -3.80 3.69
C ASP A 91 11.69 -5.18 4.06
N PHE A 92 10.73 -5.68 3.27
CA PHE A 92 10.22 -7.02 3.44
C PHE A 92 11.38 -8.01 3.44
N THR A 93 12.25 -7.92 2.42
CA THR A 93 13.44 -8.76 2.32
C THR A 93 14.41 -8.60 3.48
N ARG A 94 14.70 -7.35 3.79
CA ARG A 94 15.62 -6.99 4.86
C ARG A 94 15.22 -7.58 6.22
N ILE A 95 13.94 -7.43 6.56
CA ILE A 95 13.43 -7.89 7.85
C ILE A 95 13.41 -9.42 7.87
N THR A 96 12.98 -10.02 6.78
CA THR A 96 12.98 -11.48 6.67
C THR A 96 14.40 -12.03 6.83
N LYS A 97 15.37 -11.37 6.21
CA LYS A 97 16.77 -11.77 6.34
C LYS A 97 17.26 -11.68 7.79
N ASP A 98 16.96 -10.56 8.44
CA ASP A 98 17.37 -10.39 9.83
C ASP A 98 16.79 -11.45 10.77
N ILE A 99 15.58 -11.90 10.47
CA ILE A 99 14.98 -12.95 11.28
C ILE A 99 15.72 -14.26 11.03
N ARG A 100 16.03 -14.50 9.75
CA ARG A 100 16.75 -15.71 9.37
C ARG A 100 18.13 -15.80 10.03
N THR A 101 18.85 -14.69 10.06
CA THR A 101 20.22 -14.70 10.59
C THR A 101 20.25 -14.56 12.10
N GLY A 102 19.14 -14.13 12.69
CA GLY A 102 19.08 -13.89 14.13
C GLY A 102 19.29 -12.44 14.52
N ALA A 103 19.71 -11.62 13.57
CA ALA A 103 19.96 -10.21 13.84
C ALA A 103 18.73 -9.48 14.37
N PHE A 104 17.56 -9.90 13.90
CA PHE A 104 16.30 -9.30 14.33
C PHE A 104 16.18 -9.29 15.86
N PHE A 105 16.54 -10.41 16.46
CA PHE A 105 16.33 -10.61 17.89
C PHE A 105 17.27 -9.80 18.76
N GLU A 106 18.29 -9.22 18.14
CA GLU A 106 19.20 -8.34 18.88
C GLU A 106 19.06 -6.89 18.44
N HIS A 107 18.02 -6.60 17.66
CA HIS A 107 17.82 -5.25 17.14
C HIS A 107 17.66 -4.28 18.29
N GLU A 108 18.52 -3.26 18.34
CA GLU A 108 18.59 -2.38 19.51
C GLU A 108 17.27 -1.67 19.80
N VAL A 109 16.55 -1.28 18.74
CA VAL A 109 15.31 -0.53 18.92
C VAL A 109 14.21 -1.44 19.47
N LEU A 110 14.13 -2.65 18.93
CA LEU A 110 13.12 -3.61 19.38
C LEU A 110 13.41 -4.10 20.80
N VAL A 111 14.69 -4.39 21.07
CA VAL A 111 15.09 -4.83 22.40
C VAL A 111 14.79 -3.74 23.41
N ASP A 112 15.05 -2.49 23.03
CA ASP A 112 14.82 -1.37 23.94
C ASP A 112 13.33 -1.23 24.29
N ALA A 113 12.44 -1.46 23.33
CA ALA A 113 11.01 -1.41 23.60
C ALA A 113 10.65 -2.42 24.68
N VAL A 114 11.20 -3.61 24.55
CA VAL A 114 10.92 -4.67 25.50
C VAL A 114 11.50 -4.35 26.87
N GLU A 115 12.76 -3.93 26.91
CA GLU A 115 13.39 -3.65 28.18
C GLU A 115 12.73 -2.46 28.91
N LYS A 116 12.31 -1.45 28.17
CA LYS A 116 11.64 -0.32 28.81
CA LYS A 116 11.63 -0.31 28.79
C LYS A 116 10.29 -0.72 29.40
N ALA A 117 9.52 -1.54 28.67
CA ALA A 117 8.26 -2.00 29.23
C ALA A 117 8.48 -2.84 30.50
N LYS A 118 9.44 -3.75 30.44
CA LYS A 118 9.76 -4.56 31.61
C LYS A 118 10.14 -3.68 32.81
N ALA A 119 10.94 -2.64 32.57
CA ALA A 119 11.40 -1.79 33.66
C ALA A 119 10.26 -1.03 34.32
N ALA A 120 9.22 -0.75 33.55
CA ALA A 120 8.06 -0.02 34.04
C ALA A 120 7.02 -0.96 34.63
N GLY A 121 7.30 -2.26 34.62
CA GLY A 121 6.31 -3.23 35.06
C GLY A 121 5.09 -3.26 34.16
N GLY A 122 5.29 -2.95 32.88
CA GLY A 122 4.21 -2.92 31.93
C GLY A 122 4.25 -4.13 31.01
N ALA A 123 3.58 -3.97 29.88
CA ALA A 123 3.49 -5.03 28.88
C ALA A 123 3.96 -4.52 27.54
N VAL A 124 4.33 -5.47 26.68
CA VAL A 124 4.65 -5.17 25.30
C VAL A 124 3.42 -5.49 24.44
N HIS A 125 2.85 -4.44 23.86
CA HIS A 125 1.72 -4.61 22.95
C HIS A 125 2.21 -4.59 21.53
N ILE A 126 1.91 -5.65 20.79
CA ILE A 126 2.31 -5.77 19.40
C ILE A 126 1.06 -5.68 18.55
N MET A 127 1.11 -4.85 17.51
CA MET A 127 -0.03 -4.74 16.63
C MET A 127 0.42 -4.77 15.18
N GLY A 128 -0.45 -5.25 14.31
CA GLY A 128 -0.12 -5.29 12.90
C GLY A 128 -1.07 -6.16 12.14
N LEU A 129 -0.95 -6.08 10.82
CA LEU A 129 -1.78 -6.88 9.94
C LEU A 129 -1.38 -8.36 10.05
N LEU A 130 -2.29 -9.18 10.52
CA LEU A 130 -1.96 -10.58 10.81
C LEU A 130 -2.37 -11.50 9.68
N SER A 131 -1.49 -11.63 8.69
CA SER A 131 -1.74 -12.50 7.56
C SER A 131 -0.44 -12.77 6.81
N GLU A 132 -0.52 -13.66 5.82
CA GLU A 132 0.63 -13.97 4.98
C GLU A 132 0.65 -13.10 3.72
N GLY A 133 -0.13 -12.02 3.69
CA GLY A 133 -0.21 -11.16 2.52
C GLY A 133 1.14 -10.65 2.03
N GLY A 134 1.94 -10.12 2.94
CA GLY A 134 3.28 -9.69 2.57
C GLY A 134 3.38 -8.31 1.96
N VAL A 135 2.26 -7.60 1.86
CA VAL A 135 2.23 -6.25 1.29
C VAL A 135 2.50 -5.18 2.36
N HIS A 136 1.84 -5.33 3.52
CA HIS A 136 2.03 -4.41 4.64
C HIS A 136 2.77 -5.00 5.80
N SER A 137 2.83 -6.32 5.85
CA SER A 137 3.39 -7.03 6.99
C SER A 137 3.54 -8.47 6.59
N HIS A 138 4.08 -9.27 7.50
CA HIS A 138 3.93 -10.71 7.37
C HIS A 138 3.78 -11.29 8.76
N GLU A 139 2.82 -12.19 8.94
CA GLU A 139 2.59 -12.80 10.24
C GLU A 139 3.84 -13.46 10.82
N ASP A 140 4.76 -13.92 9.98
CA ASP A 140 5.99 -14.54 10.49
C ASP A 140 6.89 -13.51 11.16
N HIS A 141 6.82 -12.26 10.72
CA HIS A 141 7.54 -11.18 11.39
C HIS A 141 6.91 -10.91 12.74
N ILE A 142 5.59 -10.98 12.78
CA ILE A 142 4.86 -10.74 14.02
C ILE A 142 5.15 -11.85 15.04
N VAL A 143 5.20 -13.10 14.58
CA VAL A 143 5.66 -14.20 15.43
C VAL A 143 7.04 -13.91 16.01
N ALA A 144 7.95 -13.45 15.16
CA ALA A 144 9.31 -13.14 15.59
C ALA A 144 9.34 -12.06 16.67
N MET A 145 8.58 -10.99 16.50
CA MET A 145 8.53 -9.92 17.49
C MET A 145 7.94 -10.43 18.81
N CYS A 146 6.88 -11.22 18.71
CA CYS A 146 6.29 -11.81 19.91
C CYS A 146 7.31 -12.68 20.65
N GLU A 147 8.02 -13.52 19.91
CA GLU A 147 9.05 -14.39 20.48
CA GLU A 147 9.04 -14.39 20.49
C GLU A 147 10.16 -13.58 21.13
N LEU A 148 10.57 -12.51 20.45
CA LEU A 148 11.62 -11.65 20.98
C LEU A 148 11.24 -11.19 22.40
N ALA A 149 10.02 -10.66 22.52
CA ALA A 149 9.54 -10.17 23.79
C ALA A 149 9.33 -11.29 24.81
N LEU A 150 8.73 -12.40 24.38
CA LEU A 150 8.46 -13.51 25.29
C LEU A 150 9.74 -14.11 25.86
N LYS A 151 10.78 -14.22 25.03
CA LYS A 151 12.06 -14.78 25.46
CA LYS A 151 12.05 -14.80 25.48
C LYS A 151 12.78 -13.88 26.45
N ARG A 152 12.43 -12.60 26.43
CA ARG A 152 12.97 -11.64 27.39
CA ARG A 152 13.00 -11.67 27.41
C ARG A 152 12.08 -11.50 28.62
N GLY A 153 11.14 -12.44 28.78
CA GLY A 153 10.36 -12.49 30.01
C GLY A 153 9.24 -11.46 30.10
N ALA A 154 8.92 -10.82 28.99
CA ALA A 154 7.90 -9.77 29.01
C ALA A 154 6.50 -10.36 28.99
N LYS A 155 5.55 -9.56 29.46
CA LYS A 155 4.14 -9.83 29.22
C LYS A 155 3.79 -9.27 27.85
N VAL A 156 3.16 -10.08 27.01
CA VAL A 156 2.96 -9.72 25.60
C VAL A 156 1.48 -9.82 25.23
N TYR A 157 0.95 -8.75 24.66
CA TYR A 157 -0.41 -8.79 24.11
C TYR A 157 -0.36 -8.52 22.63
N LEU A 158 -1.04 -9.35 21.85
CA LEU A 158 -1.13 -9.14 20.41
C LEU A 158 -2.48 -8.56 20.05
N HIS A 159 -2.44 -7.48 19.28
CA HIS A 159 -3.62 -6.88 18.70
C HIS A 159 -3.60 -7.14 17.22
N ALA A 160 -4.48 -8.04 16.79
CA ALA A 160 -4.48 -8.47 15.40
C ALA A 160 -5.36 -7.57 14.55
N PHE A 161 -4.79 -7.05 13.46
CA PHE A 161 -5.58 -6.40 12.42
C PHE A 161 -5.83 -7.43 11.34
N LEU A 162 -7.10 -7.74 11.09
CA LEU A 162 -7.44 -8.82 10.16
C LEU A 162 -7.46 -8.32 8.71
N ASP A 163 -7.11 -9.22 7.78
CA ASP A 163 -6.75 -8.83 6.42
C ASP A 163 -7.92 -8.97 5.42
N GLY A 164 -7.94 -10.03 4.63
CA GLY A 164 -8.99 -10.21 3.62
C GLY A 164 -8.83 -9.38 2.37
N ARG A 165 -7.74 -8.61 2.28
CA ARG A 165 -7.52 -7.69 1.16
C ARG A 165 -6.21 -8.03 0.43
N ASP A 166 -5.21 -8.49 1.18
CA ASP A 166 -4.01 -9.08 0.57
C ASP A 166 -4.05 -10.59 0.66
N THR A 167 -5.17 -11.11 1.20
CA THR A 167 -5.42 -12.55 1.35
C THR A 167 -6.92 -12.75 1.13
N PRO A 168 -7.41 -14.01 1.06
CA PRO A 168 -8.85 -14.17 0.80
C PRO A 168 -9.75 -13.54 1.84
N PRO A 169 -10.95 -13.14 1.43
CA PRO A 169 -11.79 -12.34 2.34
C PRO A 169 -12.16 -13.03 3.64
N ARG A 170 -12.23 -14.36 3.66
CA ARG A 170 -12.28 -15.09 4.92
C ARG A 170 -11.11 -16.05 5.01
N SER A 171 -10.04 -15.62 5.69
CA SER A 171 -8.83 -16.42 5.75
C SER A 171 -8.04 -16.26 7.05
N ALA A 172 -8.57 -15.53 8.02
CA ALA A 172 -7.82 -15.23 9.24
C ALA A 172 -7.57 -16.42 10.17
N GLN A 173 -8.43 -17.43 10.13
CA GLN A 173 -8.37 -18.48 11.15
C GLN A 173 -6.99 -19.13 11.36
N PRO A 174 -6.32 -19.59 10.28
CA PRO A 174 -5.00 -20.21 10.51
C PRO A 174 -3.97 -19.26 11.10
N SER A 175 -4.06 -17.97 10.80
CA SER A 175 -3.13 -16.99 11.35
C SER A 175 -3.35 -16.85 12.86
N LEU A 176 -4.62 -16.78 13.26
CA LEU A 176 -4.95 -16.69 14.68
C LEU A 176 -4.48 -17.95 15.40
N GLU A 177 -4.65 -19.11 14.77
CA GLU A 177 -4.24 -20.38 15.38
C GLU A 177 -2.72 -20.44 15.52
N LYS A 178 -2.00 -19.92 14.53
CA LYS A 178 -0.53 -19.89 14.59
C LYS A 178 -0.06 -19.09 15.80
N LEU A 179 -0.66 -17.92 16.02
CA LEU A 179 -0.26 -17.08 17.13
C LEU A 179 -0.71 -17.66 18.48
N ASP A 180 -1.90 -18.25 18.54
CA ASP A 180 -2.32 -18.96 19.74
C ASP A 180 -1.28 -20.02 20.10
N ALA A 181 -0.78 -20.74 19.10
CA ALA A 181 0.15 -21.84 19.33
C ALA A 181 1.47 -21.33 19.87
N LEU A 182 1.90 -20.16 19.40
CA LEU A 182 3.12 -19.55 19.91
C LEU A 182 2.94 -19.22 21.37
N PHE A 183 1.84 -18.55 21.70
CA PHE A 183 1.61 -18.13 23.08
C PHE A 183 1.47 -19.33 24.01
N ALA A 184 0.95 -20.44 23.51
CA ALA A 184 0.85 -21.66 24.30
C ALA A 184 2.21 -22.22 24.73
N GLN A 185 3.27 -21.81 24.03
CA GLN A 185 4.64 -22.23 24.34
C GLN A 185 5.26 -21.41 25.46
N TYR A 186 4.56 -20.35 25.84
CA TYR A 186 4.99 -19.48 26.95
C TYR A 186 3.77 -19.23 27.79
N GLU A 187 3.25 -20.30 28.37
CA GLU A 187 1.92 -20.30 28.99
C GLU A 187 1.76 -19.20 30.05
N GLY A 188 0.74 -18.36 29.86
CA GLY A 188 0.43 -17.31 30.80
C GLY A 188 1.21 -16.02 30.59
N LYS A 189 2.13 -16.02 29.63
CA LYS A 189 2.98 -14.85 29.43
C LYS A 189 2.53 -13.95 28.29
N GLY A 190 1.74 -14.49 27.37
CA GLY A 190 1.27 -13.72 26.25
C GLY A 190 -0.02 -14.27 25.70
N ARG A 191 -0.76 -13.42 25.00
CA ARG A 191 -1.97 -13.87 24.33
C ARG A 191 -2.45 -12.86 23.33
N ILE A 192 -3.33 -13.33 22.44
CA ILE A 192 -4.06 -12.42 21.55
C ILE A 192 -5.08 -11.70 22.42
N ALA A 193 -5.03 -10.37 22.41
CA ALA A 193 -5.90 -9.56 23.26
C ALA A 193 -7.13 -9.05 22.51
N THR A 194 -6.93 -8.57 21.28
CA THR A 194 -8.02 -8.00 20.51
C THR A 194 -7.86 -8.30 19.03
N MET A 195 -8.95 -8.16 18.29
CA MET A 195 -8.95 -8.30 16.84
CA MET A 195 -8.90 -8.24 16.84
C MET A 195 -9.87 -7.23 16.24
N ILE A 196 -9.50 -6.71 15.09
CA ILE A 196 -10.35 -5.77 14.37
C ILE A 196 -9.93 -5.77 12.91
N GLY A 197 -10.88 -5.54 12.01
CA GLY A 197 -10.54 -5.48 10.60
C GLY A 197 -9.62 -4.32 10.25
N ARG A 198 -8.79 -4.56 9.23
CA ARG A 198 -7.92 -3.52 8.72
C ARG A 198 -8.66 -2.30 8.18
N TYR A 199 -9.93 -2.45 7.83
CA TYR A 199 -10.75 -1.32 7.43
C TYR A 199 -10.74 -0.23 8.50
N PHE A 200 -10.68 -0.67 9.75
CA PHE A 200 -10.68 0.26 10.87
C PHE A 200 -9.27 0.67 11.26
N ALA A 201 -8.38 -0.30 11.46
CA ALA A 201 -7.05 -0.02 12.00
C ALA A 201 -6.10 0.60 10.99
N MET A 202 -6.34 0.33 9.70
CA MET A 202 -5.38 0.65 8.65
C MET A 202 -6.00 1.52 7.56
N ASP A 203 -6.81 2.49 7.97
CA ASP A 203 -7.34 3.47 7.05
C ASP A 203 -6.23 4.41 6.56
N ARG A 204 -6.35 4.92 5.33
CA ARG A 204 -5.40 5.89 4.79
C ARG A 204 -6.04 7.11 4.13
N ASP A 205 -7.35 7.28 4.31
CA ASP A 205 -8.05 8.40 3.66
C ASP A 205 -8.81 9.29 4.66
N ASN A 206 -8.21 9.48 5.83
CA ASN A 206 -8.76 10.38 6.84
C ASN A 206 -10.18 10.04 7.29
N ARG A 207 -10.51 8.76 7.34
CA ARG A 207 -11.82 8.34 7.83
C ARG A 207 -11.63 8.03 9.31
N TRP A 208 -11.60 9.10 10.10
CA TRP A 208 -11.19 9.02 11.48
C TRP A 208 -12.20 8.29 12.36
N ASP A 209 -13.45 8.21 11.91
CA ASP A 209 -14.44 7.41 12.62
C ASP A 209 -14.05 5.94 12.61
N ARG A 210 -13.41 5.50 11.53
CA ARG A 210 -12.94 4.12 11.43
C ARG A 210 -11.75 3.89 12.36
N VAL A 211 -10.76 4.79 12.28
CA VAL A 211 -9.56 4.67 13.10
C VAL A 211 -9.89 4.67 14.59
N GLU A 212 -10.83 5.51 14.98
CA GLU A 212 -11.21 5.62 16.39
C GLU A 212 -11.68 4.28 16.96
N GLN A 213 -12.35 3.47 16.15
CA GLN A 213 -12.79 2.16 16.64
CA GLN A 213 -12.79 2.14 16.58
C GLN A 213 -11.62 1.27 17.02
N ALA A 214 -10.56 1.29 16.22
CA ALA A 214 -9.38 0.52 16.56
C ALA A 214 -8.67 1.14 17.77
N TYR A 215 -8.59 2.46 17.79
CA TYR A 215 -7.87 3.13 18.86
C TYR A 215 -8.52 2.86 20.22
N ARG A 216 -9.85 2.92 20.27
CA ARG A 216 -10.56 2.69 21.53
C ARG A 216 -10.49 1.22 21.97
N LEU A 217 -10.45 0.31 21.01
CA LEU A 217 -10.25 -1.10 21.31
C LEU A 217 -8.92 -1.30 22.02
N LEU A 218 -7.86 -0.71 21.48
CA LEU A 218 -6.54 -0.90 22.05
CA LEU A 218 -6.52 -0.83 22.02
C LEU A 218 -6.37 -0.17 23.38
N THR A 219 -6.87 1.05 23.49
CA THR A 219 -6.65 1.85 24.70
C THR A 219 -7.66 1.64 25.83
N GLU A 220 -8.84 1.11 25.52
CA GLU A 220 -9.87 0.92 26.52
C GLU A 220 -10.40 -0.50 26.59
N GLY A 221 -10.09 -1.32 25.59
CA GLY A 221 -10.73 -2.61 25.45
C GLY A 221 -12.18 -2.46 25.00
N GLU A 222 -12.51 -1.29 24.44
CA GLU A 222 -13.86 -1.02 23.96
C GLU A 222 -14.16 -1.84 22.70
N ALA A 223 -15.19 -2.68 22.79
CA ALA A 223 -15.47 -3.64 21.71
C ALA A 223 -16.95 -3.76 21.44
N VAL A 224 -17.27 -4.13 20.21
CA VAL A 224 -18.63 -4.44 19.84
C VAL A 224 -19.03 -5.79 20.41
N ARG A 225 -18.06 -6.71 20.45
CA ARG A 225 -18.27 -8.07 20.96
CA ARG A 225 -18.31 -8.00 21.07
C ARG A 225 -17.09 -8.57 21.77
N THR A 226 -17.35 -9.45 22.72
CA THR A 226 -16.31 -10.13 23.46
C THR A 226 -16.34 -11.61 23.10
N ALA A 227 -15.20 -12.28 23.27
CA ALA A 227 -15.10 -13.71 23.02
C ALA A 227 -14.05 -14.32 23.92
N THR A 228 -14.15 -15.62 24.16
CA THR A 228 -13.23 -16.30 25.06
C THR A 228 -11.93 -16.70 24.38
N THR A 229 -11.98 -16.87 23.06
CA THR A 229 -10.80 -17.19 22.26
C THR A 229 -10.85 -16.40 20.96
N ALA A 230 -9.71 -16.26 20.31
CA ALA A 230 -9.64 -15.55 19.04
C ALA A 230 -10.50 -16.21 17.97
N VAL A 231 -10.44 -17.54 17.88
CA VAL A 231 -11.22 -18.24 16.87
C VAL A 231 -12.72 -18.11 17.14
N GLU A 232 -13.13 -18.16 18.41
CA GLU A 232 -14.53 -17.90 18.75
C GLU A 232 -14.92 -16.48 18.32
N GLY A 233 -14.03 -15.53 18.52
CA GLY A 233 -14.29 -14.16 18.11
C GLY A 233 -14.51 -14.04 16.61
N LEU A 234 -13.67 -14.73 15.85
CA LEU A 234 -13.82 -14.76 14.40
C LEU A 234 -15.15 -15.40 13.97
N GLU A 235 -15.52 -16.49 14.64
CA GLU A 235 -16.77 -17.17 14.33
C GLU A 235 -17.96 -16.25 14.57
N LEU A 236 -17.88 -15.46 15.64
CA LEU A 236 -18.94 -14.49 15.93
C LEU A 236 -19.03 -13.43 14.84
N ALA A 237 -17.89 -12.98 14.35
CA ALA A 237 -17.85 -12.00 13.26
C ALA A 237 -18.46 -12.58 11.99
N TYR A 238 -18.08 -13.81 11.66
CA TYR A 238 -18.60 -14.45 10.46
C TYR A 238 -20.11 -14.67 10.55
N ALA A 239 -20.59 -14.99 11.74
CA ALA A 239 -22.02 -15.20 11.94
C ALA A 239 -22.78 -13.88 11.80
N ALA A 240 -22.10 -12.78 12.06
CA ALA A 240 -22.66 -11.44 11.88
C ALA A 240 -22.46 -10.93 10.46
N ASN A 241 -22.05 -11.82 9.56
CA ASN A 241 -21.83 -11.49 8.14
C ASN A 241 -20.72 -10.46 7.91
N GLU A 242 -19.70 -10.51 8.75
CA GLU A 242 -18.51 -9.68 8.56
C GLU A 242 -17.40 -10.54 7.95
N ASN A 243 -16.75 -10.01 6.92
CA ASN A 243 -15.53 -10.62 6.40
C ASN A 243 -14.35 -9.99 7.11
N ASP A 244 -13.18 -10.64 7.05
CA ASP A 244 -11.99 -10.26 7.81
C ASP A 244 -11.70 -8.77 7.82
N GLU A 245 -11.70 -8.17 6.62
CA GLU A 245 -11.34 -6.76 6.45
C GLU A 245 -12.23 -5.84 7.30
N PHE A 246 -13.47 -6.28 7.52
CA PHE A 246 -14.49 -5.44 8.14
C PHE A 246 -14.92 -5.92 9.52
N VAL A 247 -14.13 -6.81 10.12
CA VAL A 247 -14.50 -7.32 11.43
C VAL A 247 -14.54 -6.18 12.44
N LYS A 248 -15.66 -6.07 13.15
CA LYS A 248 -15.80 -5.01 14.14
C LYS A 248 -14.97 -5.30 15.38
N ALA A 249 -14.71 -4.26 16.18
CA ALA A 249 -13.86 -4.36 17.35
C ALA A 249 -14.26 -5.54 18.25
N THR A 250 -13.30 -6.44 18.47
CA THR A 250 -13.53 -7.66 19.21
C THR A 250 -12.45 -7.80 20.28
N ARG A 251 -12.90 -7.95 21.53
CA ARG A 251 -11.99 -8.14 22.64
C ARG A 251 -12.02 -9.60 23.09
N ILE A 252 -10.83 -10.20 23.22
CA ILE A 252 -10.71 -11.57 23.69
CA ILE A 252 -10.72 -11.56 23.70
C ILE A 252 -10.36 -11.57 25.18
N GLY A 253 -11.17 -12.26 25.98
CA GLY A 253 -10.88 -12.35 27.40
C GLY A 253 -10.95 -11.01 28.11
N GLU A 254 -10.14 -10.87 29.17
CA GLU A 254 -10.16 -9.66 29.98
C GLU A 254 -9.62 -8.45 29.24
N ILE A 255 -10.06 -7.28 29.65
CA ILE A 255 -9.52 -6.03 29.16
C ILE A 255 -8.01 -5.99 29.40
N ALA A 256 -7.26 -5.70 28.34
CA ALA A 256 -5.81 -5.54 28.41
C ALA A 256 -5.45 -4.26 27.67
N LYS A 257 -5.63 -3.12 28.35
CA LYS A 257 -5.43 -1.81 27.74
C LYS A 257 -3.98 -1.53 27.45
N VAL A 258 -3.72 -0.83 26.35
CA VAL A 258 -2.44 -0.19 26.17
C VAL A 258 -2.44 1.01 27.13
N GLN A 259 -1.59 0.95 28.16
CA GLN A 259 -1.65 1.94 29.22
C GLN A 259 -0.29 2.55 29.54
N ASP A 260 -0.26 3.51 30.46
CA ASP A 260 0.98 4.20 30.82
C ASP A 260 2.08 3.19 31.13
N GLY A 261 3.25 3.41 30.56
CA GLY A 261 4.40 2.58 30.86
C GLY A 261 4.58 1.39 29.92
N ASP A 262 3.53 1.05 29.16
CA ASP A 262 3.63 -0.03 28.21
C ASP A 262 4.47 0.38 27.02
N SER A 263 4.88 -0.60 26.22
CA SER A 263 5.48 -0.31 24.92
C SER A 263 4.57 -0.86 23.84
N VAL A 264 4.57 -0.19 22.70
CA VAL A 264 3.84 -0.64 21.53
C VAL A 264 4.84 -0.81 20.40
N VAL A 265 4.78 -1.96 19.73
CA VAL A 265 5.53 -2.16 18.50
C VAL A 265 4.54 -2.41 17.37
N PHE A 266 4.56 -1.53 16.38
CA PHE A 266 3.70 -1.66 15.20
C PHE A 266 4.51 -2.40 14.14
N MET A 267 4.06 -3.60 13.80
CA MET A 267 4.85 -4.49 12.94
C MET A 267 4.57 -4.42 11.44
N ASN A 268 3.90 -3.37 10.99
CA ASN A 268 3.74 -3.16 9.56
C ASN A 268 4.98 -2.51 9.00
N PHE A 269 5.39 -2.93 7.79
CA PHE A 269 6.56 -2.31 7.15
C PHE A 269 6.22 -1.37 6.01
N ARG A 270 4.94 -1.21 5.72
CA ARG A 270 4.51 -0.27 4.69
C ARG A 270 3.86 0.96 5.34
N ALA A 271 4.16 2.14 4.81
CA ALA A 271 3.86 3.40 5.49
C ALA A 271 2.42 3.92 5.36
N ASP A 272 1.80 3.77 4.19
CA ASP A 272 0.59 4.55 3.94
C ASP A 272 -0.56 4.28 4.88
N ARG A 273 -0.75 3.00 5.21
CA ARG A 273 -1.86 2.60 6.08
C ARG A 273 -1.50 2.53 7.56
N ALA A 274 -0.25 2.86 7.89
CA ALA A 274 0.18 2.82 9.28
C ALA A 274 0.19 4.19 9.95
N ARG A 275 0.14 5.25 9.15
CA ARG A 275 0.29 6.61 9.66
CA ARG A 275 0.31 6.61 9.67
C ARG A 275 -0.83 7.04 10.60
N GLU A 276 -2.07 6.72 10.24
CA GLU A 276 -3.20 7.27 10.99
C GLU A 276 -3.30 6.74 12.42
N ILE A 277 -3.23 5.42 12.59
CA ILE A 277 -3.28 4.87 13.94
C ILE A 277 -2.01 5.24 14.72
N THR A 278 -0.87 5.34 14.06
CA THR A 278 0.34 5.74 14.75
C THR A 278 0.19 7.16 15.31
N ARG A 279 -0.30 8.08 14.49
CA ARG A 279 -0.52 9.45 14.92
C ARG A 279 -1.47 9.51 16.12
N ALA A 280 -2.49 8.66 16.11
CA ALA A 280 -3.45 8.65 17.22
C ALA A 280 -2.75 8.36 18.56
N PHE A 281 -1.75 7.49 18.53
CA PHE A 281 -0.97 7.23 19.75
C PHE A 281 0.05 8.33 20.07
N VAL A 282 0.79 8.79 19.06
CA VAL A 282 2.01 9.54 19.37
C VAL A 282 2.00 11.03 19.09
N GLU A 283 1.09 11.51 18.23
CA GLU A 283 1.12 12.89 17.79
C GLU A 283 0.70 13.83 18.93
N LYS A 284 1.55 14.84 19.14
N LYS A 284 1.52 14.83 19.25
CA LYS A 284 1.44 15.80 20.24
CA LYS A 284 1.29 15.63 20.45
C LYS A 284 0.69 17.07 19.85
C LYS A 284 -0.10 16.29 20.52
N ASP A 285 -0.54 16.83 19.39
CA ASP A 285 -1.70 17.73 19.36
C ASP A 285 -2.64 17.12 18.33
N PHE A 286 -2.78 15.80 18.41
CA PHE A 286 -3.57 15.00 17.49
C PHE A 286 -4.97 15.57 17.32
N ALA A 287 -5.39 15.73 16.07
CA ALA A 287 -6.67 16.35 15.78
C ALA A 287 -7.61 15.48 14.95
N GLY A 288 -7.23 14.23 14.68
CA GLY A 288 -8.07 13.36 13.89
C GLY A 288 -9.41 13.10 14.57
N PHE A 289 -9.36 12.87 15.87
CA PHE A 289 -10.55 12.75 16.69
C PHE A 289 -10.19 13.06 18.13
N GLU A 290 -11.20 13.36 18.94
CA GLU A 290 -11.00 13.62 20.35
C GLU A 290 -10.75 12.31 21.07
N ARG A 291 -9.52 12.11 21.52
CA ARG A 291 -9.15 10.86 22.18
C ARG A 291 -9.65 10.86 23.62
N LYS A 292 -10.26 9.76 24.03
CA LYS A 292 -10.77 9.65 25.40
C LYS A 292 -9.66 9.30 26.38
N VAL A 293 -8.71 8.50 25.92
CA VAL A 293 -7.58 8.09 26.73
C VAL A 293 -6.34 8.19 25.87
N VAL A 294 -5.25 8.73 26.43
CA VAL A 294 -3.98 8.78 25.74
C VAL A 294 -2.91 8.24 26.66
N PRO A 295 -2.46 7.00 26.41
CA PRO A 295 -1.43 6.47 27.31
C PRO A 295 -0.07 7.13 27.11
N ASN A 296 0.67 7.33 28.20
CA ASN A 296 2.06 7.74 28.10
CA ASN A 296 2.06 7.75 28.12
C ASN A 296 2.93 6.49 28.03
N LEU A 297 3.33 6.14 26.82
CA LEU A 297 4.06 4.91 26.58
C LEU A 297 5.53 5.03 26.94
N SER A 298 6.10 3.91 27.38
CA SER A 298 7.54 3.84 27.56
C SER A 298 8.22 3.96 26.21
N LYS A 299 7.58 3.42 25.18
CA LYS A 299 8.12 3.49 23.81
C LYS A 299 7.05 3.09 22.83
N PHE A 300 7.02 3.77 21.67
CA PHE A 300 6.23 3.36 20.54
C PHE A 300 7.22 3.16 19.40
N VAL A 301 7.27 1.96 18.84
CA VAL A 301 8.16 1.67 17.71
C VAL A 301 7.41 1.51 16.40
N MET A 302 7.80 2.31 15.41
CA MET A 302 7.37 2.09 14.03
C MET A 302 8.39 1.13 13.41
N LEU A 303 7.93 0.03 12.81
CA LEU A 303 8.90 -0.95 12.29
C LEU A 303 9.75 -0.33 11.18
N THR A 304 9.11 0.48 10.33
CA THR A 304 9.82 1.28 9.34
C THR A 304 9.38 2.74 9.49
N ARG A 305 9.94 3.66 8.71
CA ARG A 305 9.65 5.07 8.92
C ARG A 305 8.38 5.45 8.20
N TYR A 306 7.28 5.48 8.93
CA TYR A 306 5.98 5.71 8.28
C TYR A 306 5.82 7.15 7.82
N GLN A 307 6.46 8.08 8.52
CA GLN A 307 6.35 9.50 8.21
C GLN A 307 7.44 10.19 8.99
N ALA A 308 8.22 11.02 8.31
CA ALA A 308 9.41 11.63 8.92
C ALA A 308 9.05 12.51 10.11
N SER A 309 7.86 13.13 10.06
CA SER A 309 7.47 14.11 11.06
C SER A 309 6.86 13.47 12.31
N ILE A 310 6.60 12.17 12.28
CA ILE A 310 6.09 11.47 13.45
C ILE A 310 7.20 11.25 14.46
N ASP A 311 7.00 11.76 15.68
CA ASP A 311 8.02 11.72 16.71
C ASP A 311 8.00 10.39 17.47
N ALA A 312 8.49 9.34 16.83
CA ALA A 312 8.61 8.04 17.46
C ALA A 312 9.79 7.29 16.85
N PRO A 313 10.43 6.43 17.65
CA PRO A 313 11.55 5.67 17.11
C PRO A 313 11.17 4.72 15.98
N VAL A 314 12.12 4.49 15.08
CA VAL A 314 11.96 3.62 13.94
C VAL A 314 12.99 2.49 14.02
N ALA A 315 12.55 1.25 13.82
CA ALA A 315 13.47 0.12 13.83
C ALA A 315 14.33 0.05 12.57
N TYR A 316 13.68 0.05 11.41
CA TYR A 316 14.38 -0.06 10.12
C TYR A 316 14.23 1.24 9.35
N MET A 317 15.29 2.04 9.35
CA MET A 317 15.28 3.32 8.65
C MET A 317 15.53 3.09 7.16
N PRO A 318 14.97 3.96 6.31
CA PRO A 318 15.04 3.72 4.86
C PRO A 318 16.41 4.07 4.29
N GLU A 319 16.80 3.35 3.24
CA GLU A 319 18.04 3.68 2.56
C GLU A 319 17.86 4.98 1.78
N GLU A 320 18.96 5.70 1.59
CA GLU A 320 18.93 6.92 0.78
C GLU A 320 18.67 6.51 -0.66
N LEU A 321 17.80 7.26 -1.35
CA LEU A 321 17.53 7.00 -2.74
C LEU A 321 17.77 8.28 -3.52
N LYS A 322 18.85 8.30 -4.29
CA LYS A 322 19.28 9.48 -5.03
C LYS A 322 18.86 9.41 -6.49
N ASN A 323 18.42 10.55 -7.02
CA ASN A 323 18.05 10.66 -8.43
C ASN A 323 16.95 9.72 -8.90
N SER A 324 15.91 9.62 -8.09
CA SER A 324 14.64 9.16 -8.63
C SER A 324 14.26 10.13 -9.74
N LEU A 325 13.30 9.74 -10.57
CA LEU A 325 12.94 10.57 -11.71
C LEU A 325 12.51 11.97 -11.27
N GLY A 326 11.68 12.03 -10.23
CA GLY A 326 11.23 13.31 -9.71
C GLY A 326 12.36 14.21 -9.23
N GLU A 327 13.30 13.64 -8.49
CA GLU A 327 14.42 14.45 -7.97
C GLU A 327 15.27 14.94 -9.12
N TYR A 328 15.57 14.03 -10.04
CA TYR A 328 16.46 14.35 -11.16
C TYR A 328 15.88 15.45 -12.03
N LEU A 329 14.59 15.37 -12.36
CA LEU A 329 13.98 16.43 -13.13
C LEU A 329 13.99 17.75 -12.38
N SER A 330 13.77 17.71 -11.07
CA SER A 330 13.89 18.94 -10.27
C SER A 330 15.32 19.53 -10.35
N SER A 331 16.32 18.66 -10.30
CA SER A 331 17.72 19.07 -10.38
C SER A 331 18.08 19.71 -11.71
N LEU A 332 17.26 19.45 -12.73
CA LEU A 332 17.44 20.01 -14.05
C LEU A 332 16.60 21.25 -14.27
N GLY A 333 15.85 21.66 -13.25
CA GLY A 333 15.02 22.84 -13.36
C GLY A 333 13.77 22.60 -14.18
N LYS A 334 13.37 21.34 -14.31
CA LYS A 334 12.15 20.98 -15.01
C LYS A 334 10.97 20.98 -14.04
N THR A 335 9.76 20.97 -14.59
CA THR A 335 8.57 20.99 -13.75
C THR A 335 7.80 19.69 -13.87
N GLN A 336 7.02 19.39 -12.84
CA GLN A 336 6.29 18.13 -12.82
C GLN A 336 5.00 18.24 -12.04
N LEU A 337 4.00 17.49 -12.48
CA LEU A 337 2.74 17.38 -11.77
C LEU A 337 2.55 15.96 -11.23
N ARG A 338 2.08 15.86 -10.00
CA ARG A 338 1.65 14.57 -9.45
C ARG A 338 0.16 14.71 -9.18
N ILE A 339 -0.65 13.80 -9.75
CA ILE A 339 -2.09 13.91 -9.57
C ILE A 339 -2.73 12.54 -9.36
N ALA A 340 -3.64 12.47 -8.39
CA ALA A 340 -4.38 11.25 -8.09
C ALA A 340 -5.54 11.61 -7.20
N GLU A 341 -6.38 10.63 -6.90
CA GLU A 341 -7.33 10.86 -5.83
C GLU A 341 -6.71 10.48 -4.49
N THR A 342 -7.33 10.93 -3.39
CA THR A 342 -6.66 10.90 -2.10
C THR A 342 -6.33 9.49 -1.61
N GLU A 343 -7.10 8.48 -2.03
CA GLU A 343 -6.76 7.10 -1.67
C GLU A 343 -5.40 6.67 -2.18
N LYS A 344 -4.86 7.41 -3.14
CA LYS A 344 -3.56 7.07 -3.71
C LYS A 344 -2.56 8.20 -3.53
N TYR A 345 -2.76 8.99 -2.47
CA TYR A 345 -1.83 10.08 -2.13
C TYR A 345 -0.38 9.63 -2.05
N ALA A 346 -0.11 8.58 -1.26
CA ALA A 346 1.25 8.14 -1.06
C ALA A 346 1.88 7.78 -2.38
N HIS A 347 1.09 7.15 -3.24
CA HIS A 347 1.55 6.57 -4.47
C HIS A 347 2.20 7.60 -5.38
N VAL A 348 1.52 8.71 -5.59
CA VAL A 348 2.07 9.72 -6.49
C VAL A 348 2.94 10.76 -5.80
N THR A 349 3.07 10.66 -4.48
CA THR A 349 3.96 11.55 -3.71
C THR A 349 5.18 10.79 -3.21
N PHE A 350 5.19 10.42 -1.93
CA PHE A 350 6.41 9.85 -1.34
C PHE A 350 6.80 8.45 -1.83
N PHE A 351 5.85 7.66 -2.33
CA PHE A 351 6.24 6.39 -2.94
C PHE A 351 6.98 6.70 -4.25
N PHE A 352 6.36 7.49 -5.13
CA PHE A 352 7.00 7.79 -6.41
C PHE A 352 8.31 8.55 -6.26
N SER A 353 8.38 9.43 -5.26
CA SER A 353 9.58 10.23 -5.02
C SER A 353 10.71 9.46 -4.37
N GLY A 354 10.47 8.22 -3.96
CA GLY A 354 11.52 7.40 -3.39
C GLY A 354 11.68 7.56 -1.89
N GLY A 355 10.70 8.17 -1.26
CA GLY A 355 10.72 8.36 0.19
C GLY A 355 10.55 9.80 0.64
N ARG A 356 10.93 10.75 -0.21
CA ARG A 356 10.77 12.17 0.14
C ARG A 356 9.30 12.55 0.19
N GLU A 357 8.91 13.19 1.28
CA GLU A 357 7.52 13.57 1.54
CA GLU A 357 7.51 13.55 1.48
C GLU A 357 7.17 14.92 0.90
N ASP A 358 8.05 15.90 1.07
CA ASP A 358 7.83 17.26 0.58
C ASP A 358 7.97 17.34 -0.95
N GLU A 359 7.25 18.28 -1.57
CA GLU A 359 7.44 18.57 -2.99
C GLU A 359 8.89 18.95 -3.28
N TYR A 360 9.40 18.49 -4.42
CA TYR A 360 10.63 19.02 -4.97
C TYR A 360 10.36 20.41 -5.53
N PRO A 361 11.40 21.24 -5.64
CA PRO A 361 11.29 22.46 -6.44
C PRO A 361 10.77 22.12 -7.83
N GLY A 362 9.75 22.85 -8.28
CA GLY A 362 9.16 22.61 -9.59
C GLY A 362 8.03 21.59 -9.59
N GLU A 363 7.80 20.92 -8.47
CA GLU A 363 6.73 19.92 -8.37
C GLU A 363 5.44 20.52 -7.82
N LYS A 364 4.34 20.25 -8.50
CA LYS A 364 3.00 20.60 -8.02
C LYS A 364 2.20 19.32 -7.85
N ARG A 365 1.31 19.33 -6.86
CA ARG A 365 0.46 18.19 -6.56
C ARG A 365 -1.00 18.60 -6.62
N ILE A 366 -1.82 17.72 -7.19
CA ILE A 366 -3.27 17.88 -7.17
C ILE A 366 -3.85 16.57 -6.67
N LEU A 367 -4.53 16.63 -5.52
CA LEU A 367 -5.13 15.43 -4.94
C LEU A 367 -6.62 15.65 -4.83
N ILE A 368 -7.37 14.85 -5.57
CA ILE A 368 -8.82 14.97 -5.58
C ILE A 368 -9.41 14.04 -4.53
N PRO A 369 -10.26 14.57 -3.63
CA PRO A 369 -10.84 13.67 -2.62
C PRO A 369 -11.53 12.45 -3.21
N SER A 370 -11.20 11.28 -2.69
CA SER A 370 -11.91 10.04 -3.05
C SER A 370 -13.33 10.13 -2.52
N PRO A 371 -14.25 9.37 -3.13
CA PRO A 371 -15.64 9.53 -2.67
C PRO A 371 -15.84 9.08 -1.23
N ASN A 372 -16.72 9.80 -0.53
CA ASN A 372 -16.98 9.59 0.89
C ASN A 372 -17.96 8.45 1.10
N VAL A 373 -17.58 7.27 0.61
CA VAL A 373 -18.43 6.08 0.64
C VAL A 373 -17.76 4.99 1.46
N ALA A 374 -18.53 3.98 1.85
CA ALA A 374 -18.03 2.91 2.70
C ALA A 374 -17.08 2.01 1.93
N THR A 375 -17.48 1.63 0.71
CA THR A 375 -16.67 0.77 -0.15
C THR A 375 -16.86 1.24 -1.59
N TYR A 376 -15.85 1.06 -2.43
CA TYR A 376 -15.86 1.72 -3.74
C TYR A 376 -16.65 0.99 -4.81
N ASP A 377 -17.16 -0.20 -4.50
CA ASP A 377 -18.11 -0.83 -5.41
C ASP A 377 -19.40 -0.01 -5.45
N LEU A 378 -19.60 0.87 -4.47
CA LEU A 378 -20.75 1.75 -4.47
C LEU A 378 -20.63 2.89 -5.49
N LYS A 379 -19.40 3.20 -5.89
CA LYS A 379 -19.14 4.24 -6.89
C LYS A 379 -17.87 3.90 -7.68
N PRO A 380 -17.98 2.96 -8.62
CA PRO A 380 -16.76 2.43 -9.27
C PRO A 380 -16.02 3.46 -10.10
N GLU A 381 -16.69 4.53 -10.54
CA GLU A 381 -16.00 5.60 -11.25
C GLU A 381 -15.16 6.45 -10.30
N MET A 382 -15.38 6.26 -9.00
CA MET A 382 -14.68 6.99 -7.94
C MET A 382 -14.60 8.48 -8.28
N SER A 383 -13.41 9.07 -8.18
CA SER A 383 -13.22 10.47 -8.55
C SER A 383 -12.42 10.63 -9.84
N ALA A 384 -12.45 9.61 -10.70
CA ALA A 384 -11.65 9.61 -11.92
C ALA A 384 -12.00 10.74 -12.87
N TYR A 385 -13.26 11.09 -12.97
CA TYR A 385 -13.66 12.14 -13.89
C TYR A 385 -13.10 13.51 -13.48
N GLU A 386 -13.07 13.80 -12.19
CA GLU A 386 -12.50 15.06 -11.71
C GLU A 386 -10.97 15.07 -11.83
N VAL A 387 -10.35 13.93 -11.53
CA VAL A 387 -8.91 13.79 -11.80
C VAL A 387 -8.62 14.13 -13.26
N THR A 388 -9.45 13.61 -14.15
CA THR A 388 -9.26 13.82 -15.58
C THR A 388 -9.47 15.27 -15.99
N ASP A 389 -10.49 15.93 -15.43
CA ASP A 389 -10.71 17.35 -15.68
C ASP A 389 -9.44 18.13 -15.40
N GLU A 390 -8.85 17.88 -14.23
CA GLU A 390 -7.65 18.60 -13.83
C GLU A 390 -6.42 18.21 -14.63
N LEU A 391 -6.26 16.93 -14.94
CA LEU A 391 -5.14 16.48 -15.75
C LEU A 391 -5.17 17.07 -17.15
N VAL A 392 -6.34 17.07 -17.78
CA VAL A 392 -6.46 17.65 -19.11
C VAL A 392 -6.13 19.14 -19.11
N LYS A 393 -6.62 19.87 -18.12
CA LYS A 393 -6.26 21.28 -17.97
C LYS A 393 -4.75 21.47 -17.83
N ALA A 394 -4.13 20.60 -17.03
CA ALA A 394 -2.69 20.67 -16.79
C ALA A 394 -1.90 20.40 -18.07
N ILE A 395 -2.29 19.37 -18.81
CA ILE A 395 -1.62 19.04 -20.07
C ILE A 395 -1.72 20.22 -21.03
N ASN A 396 -2.93 20.75 -21.17
CA ASN A 396 -3.17 21.84 -22.12
C ASN A 396 -2.48 23.15 -21.74
N SER A 397 -2.12 23.29 -20.47
CA SER A 397 -1.48 24.51 -19.98
C SER A 397 -0.04 24.64 -20.47
N GLY A 398 0.57 23.51 -20.82
CA GLY A 398 1.96 23.51 -21.24
C GLY A 398 2.94 23.84 -20.14
N GLU A 399 2.51 23.72 -18.88
CA GLU A 399 3.35 24.15 -17.75
C GLU A 399 4.24 23.06 -17.18
N TYR A 400 3.99 21.81 -17.57
CA TYR A 400 4.67 20.67 -16.95
C TYR A 400 5.48 19.87 -17.95
N ASP A 401 6.72 19.56 -17.58
CA ASP A 401 7.51 18.67 -18.41
C ASP A 401 7.08 17.21 -18.22
N LEU A 402 6.80 16.83 -16.98
CA LEU A 402 6.35 15.48 -16.63
C LEU A 402 5.04 15.57 -15.88
N LEU A 403 4.08 14.72 -16.25
CA LEU A 403 2.83 14.63 -15.52
C LEU A 403 2.61 13.17 -15.15
N VAL A 404 2.50 12.90 -13.85
CA VAL A 404 2.30 11.54 -13.35
C VAL A 404 0.91 11.44 -12.76
N VAL A 405 0.08 10.59 -13.35
CA VAL A 405 -1.27 10.39 -12.84
C VAL A 405 -1.49 8.94 -12.44
N ASN A 406 -2.15 8.75 -11.30
CA ASN A 406 -2.62 7.43 -10.91
C ASN A 406 -4.14 7.44 -11.03
N TYR A 407 -4.69 6.46 -11.76
CA TYR A 407 -6.13 6.17 -11.68
C TYR A 407 -6.33 5.00 -10.73
N ALA A 408 -7.06 5.25 -9.64
CA ALA A 408 -7.17 4.29 -8.55
C ALA A 408 -8.15 3.16 -8.82
N ASN A 409 -9.00 3.33 -9.83
CA ASN A 409 -10.26 2.59 -9.91
C ASN A 409 -10.12 1.09 -10.01
N GLY A 410 -9.29 0.60 -10.93
CA GLY A 410 -9.16 -0.83 -11.13
C GLY A 410 -8.74 -1.50 -9.85
N ASP A 411 -7.73 -0.94 -9.21
CA ASP A 411 -7.23 -1.51 -7.99
C ASP A 411 -8.25 -1.47 -6.87
N MET A 412 -8.82 -0.29 -6.62
CA MET A 412 -9.70 -0.10 -5.46
CA MET A 412 -9.67 -0.16 -5.45
C MET A 412 -10.99 -0.90 -5.58
N VAL A 413 -11.55 -0.95 -6.78
CA VAL A 413 -12.76 -1.72 -6.96
C VAL A 413 -12.43 -3.23 -7.07
N GLY A 414 -11.28 -3.55 -7.66
CA GLY A 414 -10.86 -4.94 -7.70
C GLY A 414 -10.73 -5.53 -6.30
N HIS A 415 -10.28 -4.74 -5.34
CA HIS A 415 -10.15 -5.20 -3.96
C HIS A 415 -11.49 -5.53 -3.29
N THR A 416 -12.58 -5.05 -3.87
CA THR A 416 -13.90 -5.38 -3.29
C THR A 416 -14.32 -6.81 -3.59
N GLY A 417 -13.70 -7.41 -4.60
CA GLY A 417 -14.10 -8.75 -5.02
C GLY A 417 -15.39 -8.81 -5.84
N VAL A 418 -15.96 -7.64 -6.18
CA VAL A 418 -17.24 -7.61 -6.90
C VAL A 418 -17.01 -7.43 -8.40
N PHE A 419 -17.25 -8.50 -9.16
CA PHE A 419 -16.94 -8.52 -10.60
C PHE A 419 -17.65 -7.39 -11.38
N ASP A 420 -18.95 -7.26 -11.22
CA ASP A 420 -19.70 -6.27 -12.01
C ASP A 420 -19.21 -4.85 -11.74
N ALA A 421 -18.87 -4.57 -10.48
CA ALA A 421 -18.35 -3.26 -10.13
C ALA A 421 -16.98 -3.03 -10.74
N ALA A 422 -16.14 -4.06 -10.70
CA ALA A 422 -14.80 -3.99 -11.29
C ALA A 422 -14.86 -3.70 -12.79
N VAL A 423 -15.82 -4.30 -13.49
CA VAL A 423 -16.02 -4.01 -14.89
C VAL A 423 -16.31 -2.52 -15.08
N LYS A 424 -17.21 -1.97 -14.26
CA LYS A 424 -17.54 -0.55 -14.36
C LYS A 424 -16.34 0.35 -14.05
N ALA A 425 -15.48 -0.07 -13.12
CA ALA A 425 -14.29 0.70 -12.79
C ALA A 425 -13.36 0.82 -13.99
N VAL A 426 -13.15 -0.31 -14.67
CA VAL A 426 -12.32 -0.34 -15.86
C VAL A 426 -12.90 0.56 -16.95
N GLU A 427 -14.21 0.49 -17.13
CA GLU A 427 -14.87 1.32 -18.13
C GLU A 427 -14.70 2.81 -17.84
N ALA A 428 -14.77 3.19 -16.57
CA ALA A 428 -14.56 4.58 -16.19
C ALA A 428 -13.16 5.05 -16.58
N VAL A 429 -12.16 4.23 -16.28
CA VAL A 429 -10.78 4.59 -16.59
C VAL A 429 -10.63 4.71 -18.12
N ASP A 430 -11.20 3.77 -18.86
CA ASP A 430 -11.09 3.84 -20.32
C ASP A 430 -11.67 5.12 -20.90
N THR A 431 -12.84 5.51 -20.41
CA THR A 431 -13.46 6.76 -20.85
C THR A 431 -12.55 7.96 -20.55
N CYS A 432 -11.99 7.99 -19.35
CA CYS A 432 -11.09 9.08 -18.96
C CYS A 432 -9.87 9.14 -19.86
N LEU A 433 -9.31 7.98 -20.18
CA LEU A 433 -8.11 7.94 -21.00
C LEU A 433 -8.33 8.47 -22.42
N GLY A 434 -9.55 8.38 -22.94
CA GLY A 434 -9.85 9.00 -24.21
C GLY A 434 -9.59 10.50 -24.19
N ARG A 435 -9.97 11.14 -23.09
CA ARG A 435 -9.76 12.59 -22.97
C ARG A 435 -8.28 12.92 -22.80
N VAL A 436 -7.57 12.11 -22.04
CA VAL A 436 -6.14 12.32 -21.85
C VAL A 436 -5.42 12.18 -23.18
N TYR A 437 -5.78 11.15 -23.93
CA TYR A 437 -5.19 10.88 -25.24
C TYR A 437 -5.37 12.08 -26.17
N GLU A 438 -6.58 12.60 -26.23
CA GLU A 438 -6.88 13.75 -27.08
C GLU A 438 -5.98 14.93 -26.77
N ALA A 439 -5.80 15.20 -25.48
CA ALA A 439 -4.98 16.33 -25.05
C ALA A 439 -3.51 16.13 -25.37
N VAL A 440 -3.01 14.92 -25.11
CA VAL A 440 -1.61 14.61 -25.41
C VAL A 440 -1.33 14.74 -26.92
N MET A 441 -2.20 14.17 -27.74
CA MET A 441 -1.97 14.22 -29.19
C MET A 441 -2.00 15.66 -29.70
N ALA A 442 -2.91 16.48 -29.17
CA ALA A 442 -3.03 17.86 -29.62
C ALA A 442 -1.81 18.71 -29.26
N LYS A 443 -1.10 18.31 -28.21
CA LYS A 443 0.09 19.04 -27.77
C LYS A 443 1.37 18.38 -28.28
N LYS A 444 1.23 17.41 -29.17
CA LYS A 444 2.37 16.68 -29.74
C LYS A 444 3.22 16.08 -28.63
N GLY A 445 2.56 15.58 -27.59
CA GLY A 445 3.25 15.04 -26.43
C GLY A 445 3.48 13.54 -26.49
N HIS A 446 4.04 13.03 -25.40
CA HIS A 446 4.35 11.61 -25.28
C HIS A 446 3.66 11.08 -24.05
N MET A 447 3.16 9.87 -24.14
CA MET A 447 2.48 9.26 -23.01
C MET A 447 2.79 7.77 -22.91
N LEU A 448 3.03 7.31 -21.70
CA LEU A 448 3.13 5.88 -21.41
C LEU A 448 1.93 5.52 -20.54
N ILE A 449 1.17 4.55 -21.01
CA ILE A 449 0.06 4.03 -20.22
C ILE A 449 0.47 2.66 -19.72
N THR A 450 0.51 2.50 -18.40
CA THR A 450 0.96 1.25 -17.82
C THR A 450 0.28 1.04 -16.47
N ALA A 451 0.83 0.14 -15.66
CA ALA A 451 0.30 -0.14 -14.33
C ALA A 451 1.44 -0.56 -13.43
N ASP A 452 1.16 -0.63 -12.13
CA ASP A 452 2.13 -1.01 -11.12
C ASP A 452 2.06 -2.51 -10.75
N HIS A 453 0.92 -3.13 -11.04
CA HIS A 453 0.64 -4.54 -10.76
C HIS A 453 -0.79 -4.78 -11.22
N GLY A 454 -1.18 -6.05 -11.32
CA GLY A 454 -2.55 -6.39 -11.66
C GLY A 454 -3.44 -6.59 -10.45
N ASN A 455 -4.72 -6.79 -10.72
CA ASN A 455 -5.77 -6.95 -9.70
C ASN A 455 -7.10 -7.31 -10.39
N VAL A 456 -7.62 -6.36 -11.16
CA VAL A 456 -8.97 -6.43 -11.68
C VAL A 456 -9.16 -7.55 -12.72
N GLU A 457 -8.07 -8.02 -13.31
CA GLU A 457 -8.16 -9.03 -14.36
C GLU A 457 -8.41 -10.46 -13.83
N GLN A 458 -8.41 -10.63 -12.51
CA GLN A 458 -8.87 -11.90 -11.92
C GLN A 458 -9.73 -11.62 -10.70
N MET A 459 -11.01 -11.93 -10.81
CA MET A 459 -11.99 -11.57 -9.78
C MET A 459 -12.53 -12.77 -8.99
N GLN A 460 -12.08 -13.97 -9.34
CA GLN A 460 -12.44 -15.19 -8.61
C GLN A 460 -11.14 -15.90 -8.22
N ASP A 461 -11.05 -16.36 -6.97
CA ASP A 461 -9.87 -17.03 -6.46
C ASP A 461 -10.11 -18.53 -6.50
N TYR A 462 -9.52 -19.20 -7.47
CA TYR A 462 -9.76 -20.63 -7.64
C TYR A 462 -9.13 -21.49 -6.55
N GLU A 463 -8.17 -20.93 -5.81
CA GLU A 463 -7.52 -21.68 -4.75
C GLU A 463 -8.38 -21.81 -3.50
N SER A 464 -9.23 -20.83 -3.26
CA SER A 464 -10.08 -20.84 -2.08
C SER A 464 -11.56 -20.95 -2.41
N GLY A 465 -11.92 -20.70 -3.66
CA GLY A 465 -13.32 -20.66 -4.05
C GLY A 465 -14.03 -19.37 -3.69
N GLN A 466 -13.29 -18.43 -3.09
CA GLN A 466 -13.83 -17.13 -2.71
C GLN A 466 -13.60 -16.12 -3.82
N VAL A 467 -14.32 -15.01 -3.78
CA VAL A 467 -13.99 -13.92 -4.69
C VAL A 467 -12.55 -13.47 -4.46
N HIS A 468 -11.95 -12.90 -5.49
CA HIS A 468 -10.54 -12.51 -5.47
C HIS A 468 -10.46 -11.03 -5.13
N THR A 469 -9.92 -10.73 -3.96
CA THR A 469 -9.83 -9.35 -3.48
C THR A 469 -8.41 -8.81 -3.50
N GLN A 470 -7.48 -9.55 -4.09
CA GLN A 470 -6.06 -9.20 -4.00
C GLN A 470 -5.44 -8.81 -5.33
N HIS A 471 -4.16 -8.47 -5.28
CA HIS A 471 -3.40 -8.26 -6.49
C HIS A 471 -3.13 -9.59 -7.16
N THR A 472 -2.62 -9.52 -8.38
CA THR A 472 -2.18 -10.69 -9.12
C THR A 472 -0.69 -10.61 -9.39
N THR A 473 -0.15 -11.67 -9.98
CA THR A 473 1.22 -11.68 -10.45
C THR A 473 1.31 -11.56 -11.97
N GLU A 474 0.22 -11.13 -12.59
CA GLU A 474 0.20 -10.97 -14.05
C GLU A 474 1.07 -9.81 -14.51
N LEU A 475 1.55 -9.89 -15.76
CA LEU A 475 2.22 -8.77 -16.39
C LEU A 475 1.23 -7.63 -16.56
N VAL A 476 1.74 -6.43 -16.83
CA VAL A 476 0.87 -5.27 -17.02
C VAL A 476 1.10 -4.67 -18.40
N PRO A 477 0.07 -4.00 -18.95
CA PRO A 477 0.23 -3.38 -20.26
C PRO A 477 1.23 -2.23 -20.23
N PHE A 478 1.79 -1.92 -21.39
CA PHE A 478 2.73 -0.81 -21.53
C PHE A 478 2.49 -0.28 -22.93
N ILE A 479 1.82 0.87 -23.01
CA ILE A 479 1.43 1.45 -24.31
C ILE A 479 2.15 2.77 -24.52
N TYR A 480 2.79 2.93 -25.67
CA TYR A 480 3.45 4.19 -26.01
C TYR A 480 2.67 5.02 -27.01
N VAL A 481 2.20 6.18 -26.57
CA VAL A 481 1.49 7.14 -27.40
C VAL A 481 2.40 8.34 -27.65
N GLY A 482 2.68 8.64 -28.91
CA GLY A 482 3.50 9.77 -29.27
C GLY A 482 3.25 10.19 -30.70
N PRO A 483 3.99 11.20 -31.19
CA PRO A 483 3.82 11.71 -32.55
C PRO A 483 4.27 10.72 -33.62
N THR A 484 5.10 9.74 -33.27
CA THR A 484 5.58 8.76 -34.23
C THR A 484 5.39 7.34 -33.71
N GLN A 485 5.61 6.38 -34.61
CA GLN A 485 5.67 4.98 -34.22
C GLN A 485 7.00 4.70 -33.52
N ALA A 486 7.14 3.46 -33.07
CA ALA A 486 8.30 3.03 -32.31
C ALA A 486 8.25 1.53 -32.17
N THR A 487 9.37 0.94 -31.76
CA THR A 487 9.37 -0.46 -31.35
C THR A 487 9.68 -0.50 -29.87
N ILE A 488 9.09 -1.47 -29.18
CA ILE A 488 9.29 -1.62 -27.75
C ILE A 488 9.95 -2.97 -27.48
N ALA A 489 11.06 -2.95 -26.76
CA ALA A 489 11.75 -4.19 -26.44
C ALA A 489 10.92 -5.05 -25.47
N GLU A 490 10.99 -6.36 -25.64
CA GLU A 490 10.31 -7.30 -24.76
C GLU A 490 11.08 -7.44 -23.45
N GLY A 491 10.40 -7.95 -22.42
CA GLY A 491 11.05 -8.26 -21.16
C GLY A 491 11.25 -7.10 -20.21
N GLY A 492 10.51 -6.01 -20.43
CA GLY A 492 10.62 -4.86 -19.56
C GLY A 492 10.11 -5.07 -18.16
N VAL A 493 10.62 -4.25 -17.23
CA VAL A 493 10.18 -4.23 -15.85
C VAL A 493 9.94 -2.79 -15.40
N LEU A 494 9.32 -2.61 -14.23
CA LEU A 494 8.97 -1.26 -13.78
C LEU A 494 10.18 -0.33 -13.72
N ALA A 495 11.35 -0.86 -13.35
CA ALA A 495 12.57 -0.07 -13.27
C ALA A 495 13.04 0.51 -14.60
N ASP A 496 12.47 0.03 -15.70
CA ASP A 496 12.84 0.51 -17.03
C ASP A 496 12.03 1.74 -17.44
N VAL A 497 10.96 2.02 -16.72
CA VAL A 497 10.05 3.08 -17.15
C VAL A 497 10.69 4.47 -17.09
N ALA A 498 11.38 4.78 -15.99
CA ALA A 498 12.00 6.09 -15.86
C ALA A 498 13.10 6.35 -16.90
N PRO A 499 14.03 5.40 -17.11
CA PRO A 499 15.01 5.60 -18.19
C PRO A 499 14.34 5.74 -19.55
N THR A 500 13.21 5.03 -19.75
CA THR A 500 12.50 5.14 -21.01
C THR A 500 11.92 6.54 -21.18
N ILE A 501 11.32 7.07 -20.11
CA ILE A 501 10.80 8.43 -20.14
C ILE A 501 11.91 9.45 -20.43
N LEU A 502 13.05 9.30 -19.77
CA LEU A 502 14.17 10.22 -20.01
C LEU A 502 14.63 10.18 -21.46
N ASN A 503 14.65 9.00 -22.08
CA ASN A 503 15.00 8.93 -23.49
CA ASN A 503 14.97 8.91 -23.50
C ASN A 503 13.99 9.68 -24.37
N LEU A 504 12.70 9.56 -24.04
CA LEU A 504 11.67 10.30 -24.78
C LEU A 504 11.86 11.81 -24.61
N MET A 505 12.28 12.21 -23.41
CA MET A 505 12.56 13.62 -23.12
C MET A 505 13.90 14.11 -23.69
N GLN A 506 14.70 13.18 -24.19
CA GLN A 506 16.04 13.49 -24.72
C GLN A 506 16.93 14.09 -23.64
N ILE A 507 16.87 13.47 -22.47
CA ILE A 507 17.64 13.86 -21.28
C ILE A 507 18.48 12.65 -20.88
N PRO A 508 19.77 12.87 -20.56
CA PRO A 508 20.61 11.75 -20.16
C PRO A 508 20.11 11.06 -18.89
N VAL A 509 20.30 9.75 -18.83
CA VAL A 509 19.88 8.98 -17.66
C VAL A 509 20.93 9.14 -16.57
N PRO A 510 20.51 9.44 -15.32
CA PRO A 510 21.49 9.60 -14.23
C PRO A 510 22.18 8.29 -13.88
N ALA A 511 23.38 8.38 -13.31
CA ALA A 511 24.18 7.19 -13.03
C ALA A 511 23.48 6.22 -12.07
N GLU A 512 22.66 6.76 -11.19
CA GLU A 512 22.00 5.94 -10.17
C GLU A 512 20.90 5.03 -10.73
N MET A 513 20.38 5.35 -11.89
CA MET A 513 19.36 4.49 -12.48
C MET A 513 20.02 3.28 -13.13
N GLN A 514 19.34 2.14 -13.06
CA GLN A 514 19.90 0.88 -13.52
C GLN A 514 19.02 0.22 -14.59
N GLY A 515 17.80 0.72 -14.76
CA GLY A 515 16.91 0.18 -15.77
C GLY A 515 17.36 0.58 -17.17
N ARG A 516 16.66 0.08 -18.17
CA ARG A 516 17.03 0.33 -19.55
C ARG A 516 15.90 1.00 -20.33
N ASN A 517 16.26 1.75 -21.36
CA ASN A 517 15.28 2.29 -22.28
C ASN A 517 14.66 1.18 -23.12
N LEU A 518 13.33 1.13 -23.13
CA LEU A 518 12.62 0.11 -23.87
C LEU A 518 12.18 0.55 -25.26
N ILE A 519 12.22 1.85 -25.54
CA ILE A 519 11.57 2.39 -26.75
C ILE A 519 12.56 2.93 -27.78
N THR A 520 12.40 2.47 -29.02
CA THR A 520 13.21 2.93 -30.14
C THR A 520 12.28 3.63 -31.11
N LEU A 521 12.37 4.96 -31.19
CA LEU A 521 11.46 5.70 -32.07
C LEU A 521 11.75 5.44 -33.55
N SER A 522 10.69 5.41 -34.37
CA SER A 522 10.86 5.29 -35.81
C SER A 522 10.08 6.40 -36.49
#